data_3T0X
#
_entry.id   3T0X
#
_cell.length_a   83.494
_cell.length_b   83.494
_cell.length_c   76.347
_cell.angle_alpha   90.00
_cell.angle_beta   90.00
_cell.angle_gamma   90.00
#
_symmetry.space_group_name_H-M   'P 43 21 2'
#
loop_
_entity.id
_entity.type
_entity.pdbx_description
1 polymer 'Immunoglobulin variable lambda domain M8VLA4(S55P)'
2 non-polymer 1-(3-sulfopropyl)-4-[(1E,3E)-3-(1,3,3-trimethyl-1,3-dihydro-2H-indol-2-ylidene)prop-1-en-1-yl]quinolinium
3 non-polymer 1,2-ETHANEDIOL
4 non-polymer 'SULFATE ION'
5 water water
#
_entity_poly.entity_id   1
_entity_poly.type   'polypeptide(L)'
_entity_poly.pdbx_seq_one_letter_code
;(PCA)PVLTQSPSVSGTPGQKVTIFCSGSSSNVEDNSVYWYQQFPGTTPKVLIYNDDRRPSGVPDRFSGSKSGTSASLAI
SGLRSEDEADYYCLSWDDSLNGWVFGGGTKVTVLDAASGADHHHHHH
;
_entity_poly.pdbx_strand_id   A,B
#
loop_
_chem_comp.id
_chem_comp.type
_chem_comp.name
_chem_comp.formula
DIW non-polymer 1-(3-sulfopropyl)-4-[(1E,3E)-3-(1,3,3-trimethyl-1,3-dihydro-2H-indol-2-ylidene)prop-1-en-1-yl]quinolinium 'C26 H29 N2 O3 S 1'
EDO non-polymer 1,2-ETHANEDIOL 'C2 H6 O2'
SO4 non-polymer 'SULFATE ION' 'O4 S -2'
#
# COMPACT_ATOMS: atom_id res chain seq x y z
N PCA A 1 -19.42 -0.78 -3.16
CA PCA A 1 -18.79 -0.07 -4.26
CB PCA A 1 -19.71 1.04 -4.79
CG PCA A 1 -20.80 1.23 -3.76
CD PCA A 1 -20.52 0.11 -2.78
OE PCA A 1 -21.21 -0.01 -1.77
C PCA A 1 -17.43 0.54 -3.88
O PCA A 1 -17.24 0.97 -2.74
N PRO A 2 -16.50 0.60 -4.85
CA PRO A 2 -15.20 1.25 -4.61
C PRO A 2 -15.45 2.72 -4.32
N VAL A 3 -14.73 3.28 -3.34
CA VAL A 3 -14.94 4.67 -2.97
C VAL A 3 -14.27 5.62 -3.97
N LEU A 4 -13.22 5.14 -4.64
CA LEU A 4 -12.58 5.95 -5.67
C LEU A 4 -13.12 5.54 -7.03
N THR A 5 -13.17 6.50 -7.94
CA THR A 5 -13.75 6.30 -9.26
C THR A 5 -12.68 6.17 -10.33
N GLN A 6 -12.56 4.98 -10.90
CA GLN A 6 -11.76 4.77 -12.09
C GLN A 6 -12.66 4.29 -13.23
N SER A 7 -12.42 4.76 -14.45
CA SER A 7 -13.14 4.22 -15.62
C SER A 7 -12.80 2.74 -15.76
N PRO A 8 -13.83 1.89 -15.95
CA PRO A 8 -13.61 0.43 -15.94
C PRO A 8 -12.71 -0.12 -17.04
N SER A 9 -12.62 0.55 -18.21
CA SER A 9 -11.84 -0.02 -19.31
C SER A 9 -11.31 0.96 -20.38
N VAL A 10 -10.09 0.72 -20.82
CA VAL A 10 -9.43 1.60 -21.79
C VAL A 10 -8.73 0.74 -22.80
N SER A 11 -8.77 1.14 -24.07
CA SER A 11 -8.04 0.43 -25.12
C SER A 11 -7.02 1.35 -25.76
N GLY A 12 -6.00 0.75 -26.35
CA GLY A 12 -5.01 1.50 -27.11
C GLY A 12 -4.17 0.55 -27.92
N THR A 13 -3.38 1.09 -28.84
CA THR A 13 -2.49 0.25 -29.63
C THR A 13 -1.05 0.48 -29.18
N PRO A 14 -0.16 -0.47 -29.47
CA PRO A 14 1.24 -0.34 -29.05
C PRO A 14 1.82 1.01 -29.47
N GLY A 15 2.58 1.64 -28.57
CA GLY A 15 3.16 2.94 -28.86
C GLY A 15 2.30 4.12 -28.44
N GLN A 16 1.00 3.92 -28.30
CA GLN A 16 0.12 5.02 -27.89
C GLN A 16 0.39 5.42 -26.44
N LYS A 17 0.30 6.72 -26.16
CA LYS A 17 0.41 7.24 -24.81
C LYS A 17 -1.00 7.37 -24.24
N VAL A 18 -1.24 6.65 -23.15
CA VAL A 18 -2.55 6.63 -22.53
C VAL A 18 -2.43 6.98 -21.05
N THR A 19 -3.35 7.77 -20.53
CA THR A 19 -3.36 8.15 -19.14
C THR A 19 -4.67 7.73 -18.52
N ILE A 20 -4.59 7.08 -17.36
CA ILE A 20 -5.80 6.70 -16.65
C ILE A 20 -5.95 7.47 -15.33
N PHE A 21 -7.21 7.63 -14.92
CA PHE A 21 -7.55 8.60 -13.90
C PHE A 21 -8.22 7.96 -12.71
N CYS A 22 -8.04 8.57 -11.56
CA CYS A 22 -8.53 8.04 -10.29
C CYS A 22 -9.08 9.24 -9.51
N SER A 23 -10.40 9.36 -9.47
CA SER A 23 -11.04 10.52 -8.85
CA SER A 23 -11.04 10.52 -8.85
C SER A 23 -11.47 10.21 -7.43
N GLY A 24 -11.16 11.11 -6.50
CA GLY A 24 -11.55 10.93 -5.12
C GLY A 24 -12.15 12.21 -4.56
N SER A 25 -11.90 12.48 -3.29
CA SER A 25 -12.45 13.67 -2.65
C SER A 25 -11.39 14.30 -1.80
N SER A 26 -11.76 15.39 -1.13
CA SER A 26 -10.87 16.03 -0.18
C SER A 26 -10.42 15.10 0.93
N SER A 27 -11.24 14.10 1.28
CA SER A 27 -10.86 13.26 2.42
C SER A 27 -9.98 12.06 2.06
N ASN A 28 -9.74 11.86 0.76
CA ASN A 28 -8.80 10.85 0.31
C ASN A 28 -7.77 11.42 -0.67
N VAL A 29 -7.89 11.10 -1.91
CA VAL A 29 -6.92 11.44 -2.88
C VAL A 29 -6.24 12.79 -2.62
N GLU A 30 -7.02 13.80 -2.25
CA GLU A 30 -6.54 15.17 -2.31
C GLU A 30 -5.46 15.34 -1.29
N ASP A 31 -5.67 14.61 -0.21
CA ASP A 31 -5.19 14.80 1.13
C ASP A 31 -3.98 13.91 1.43
N ASN A 32 -3.95 12.73 0.81
CA ASN A 32 -3.28 11.54 1.32
C ASN A 32 -2.45 10.94 0.20
N SER A 33 -1.40 10.21 0.51
CA SER A 33 -0.55 9.56 -0.49
C SER A 33 -1.39 8.62 -1.35
N VAL A 34 -1.17 8.67 -2.67
CA VAL A 34 -1.85 7.76 -3.61
C VAL A 34 -0.87 6.70 -4.13
N TYR A 35 -1.34 5.46 -4.18
CA TYR A 35 -0.52 4.36 -4.67
C TYR A 35 -1.22 3.77 -5.87
N TRP A 36 -0.44 3.32 -6.85
CA TRP A 36 -0.99 2.60 -8.01
C TRP A 36 -0.37 1.23 -8.08
N TYR A 37 -1.18 0.23 -8.45
CA TYR A 37 -0.61 -1.07 -8.73
C TYR A 37 -1.18 -1.74 -9.98
N GLN A 38 -0.38 -2.65 -10.53
CA GLN A 38 -0.71 -3.36 -11.75
C GLN A 38 -1.02 -4.80 -11.39
N GLN A 39 -2.18 -5.29 -11.80
CA GLN A 39 -2.55 -6.65 -11.46
C GLN A 39 -2.88 -7.46 -12.70
N PHE A 40 -2.14 -8.54 -12.92
CA PHE A 40 -2.49 -9.53 -13.94
C PHE A 40 -3.39 -10.58 -13.30
N PRO A 41 -4.19 -11.27 -14.10
CA PRO A 41 -5.06 -12.29 -13.49
C PRO A 41 -4.22 -13.33 -12.73
N GLY A 42 -4.65 -13.65 -11.52
CA GLY A 42 -4.07 -14.74 -10.77
C GLY A 42 -2.68 -14.51 -10.17
N THR A 43 -2.11 -13.31 -10.34
CA THR A 43 -0.82 -13.06 -9.71
C THR A 43 -0.81 -11.85 -8.78
N THR A 44 0.24 -11.80 -7.96
CA THR A 44 0.46 -10.75 -6.99
C THR A 44 0.61 -9.42 -7.74
N PRO A 45 -0.03 -8.36 -7.23
CA PRO A 45 0.12 -7.02 -7.80
C PRO A 45 1.58 -6.56 -7.82
N LYS A 46 1.91 -5.68 -8.75
CA LYS A 46 3.18 -4.99 -8.73
C LYS A 46 2.90 -3.51 -8.48
N VAL A 47 3.51 -2.95 -7.44
CA VAL A 47 3.35 -1.52 -7.16
C VAL A 47 4.08 -0.72 -8.24
N LEU A 48 3.37 0.19 -8.91
CA LEU A 48 3.96 1.02 -9.97
C LEU A 48 4.34 2.40 -9.44
N ILE A 49 3.56 2.90 -8.49
CA ILE A 49 3.69 4.27 -8.01
C ILE A 49 3.32 4.32 -6.54
N TYR A 50 4.16 4.96 -5.72
CA TYR A 50 3.80 5.20 -4.33
C TYR A 50 3.98 6.70 -4.02
N ASN A 51 3.30 7.19 -2.99
CA ASN A 51 3.44 8.59 -2.59
C ASN A 51 3.18 9.54 -3.76
N ASP A 52 2.11 9.29 -4.50
CA ASP A 52 1.67 10.15 -5.62
C ASP A 52 2.45 10.00 -6.91
N ASP A 53 3.78 10.06 -6.83
CA ASP A 53 4.60 10.26 -8.03
C ASP A 53 5.93 9.51 -8.04
N ARG A 54 6.15 8.66 -7.04
CA ARG A 54 7.40 7.92 -6.94
C ARG A 54 7.32 6.54 -7.60
N ARG A 55 8.28 6.25 -8.45
CA ARG A 55 8.31 4.99 -9.20
C ARG A 55 9.42 4.11 -8.64
N PRO A 56 9.05 2.91 -8.14
CA PRO A 56 10.05 1.96 -7.61
C PRO A 56 11.08 1.63 -8.68
N SER A 57 12.31 1.41 -8.28
CA SER A 57 13.31 0.97 -9.25
C SER A 57 12.85 -0.41 -9.72
N GLY A 58 12.90 -0.63 -11.02
CA GLY A 58 12.43 -1.91 -11.53
C GLY A 58 11.13 -1.78 -12.31
N VAL A 59 10.35 -0.76 -12.01
CA VAL A 59 9.18 -0.46 -12.82
C VAL A 59 9.69 0.28 -14.08
N PRO A 60 9.22 -0.16 -15.27
CA PRO A 60 9.64 0.45 -16.54
C PRO A 60 9.36 1.94 -16.56
N ASP A 61 10.24 2.69 -17.22
CA ASP A 61 10.19 4.15 -17.18
C ASP A 61 8.99 4.73 -17.93
N ARG A 62 8.26 3.90 -18.65
CA ARG A 62 7.07 4.41 -19.35
C ARG A 62 5.90 4.69 -18.42
N PHE A 63 5.99 4.26 -17.16
CA PHE A 63 4.94 4.52 -16.16
C PHE A 63 5.28 5.73 -15.29
N SER A 64 4.34 6.66 -15.14
CA SER A 64 4.55 7.77 -14.22
C SER A 64 3.21 8.20 -13.62
N GLY A 65 3.27 8.80 -12.44
CA GLY A 65 2.07 9.19 -11.74
C GLY A 65 2.11 10.61 -11.21
N SER A 66 0.95 11.23 -11.03
CA SER A 66 0.92 12.53 -10.39
C SER A 66 -0.48 12.76 -9.88
N LYS A 67 -0.67 13.90 -9.24
CA LYS A 67 -1.92 14.16 -8.55
C LYS A 67 -2.29 15.60 -8.78
N SER A 68 -3.53 15.82 -9.20
CA SER A 68 -4.04 17.14 -9.51
C SER A 68 -5.34 17.33 -8.75
N GLY A 69 -5.24 17.84 -7.53
CA GLY A 69 -6.42 18.11 -6.70
C GLY A 69 -7.09 16.85 -6.20
N THR A 70 -8.34 16.63 -6.61
CA THR A 70 -9.07 15.42 -6.18
C THR A 70 -8.88 14.28 -7.17
N SER A 71 -7.94 14.43 -8.10
CA SER A 71 -7.76 13.44 -9.16
C SER A 71 -6.29 13.00 -9.26
N ALA A 72 -6.06 11.70 -9.18
CA ALA A 72 -4.73 11.17 -9.45
C ALA A 72 -4.72 10.58 -10.85
N SER A 73 -3.54 10.54 -11.47
CA SER A 73 -3.43 9.91 -12.78
C SER A 73 -2.16 9.09 -12.98
N LEU A 74 -2.27 8.07 -13.83
CA LEU A 74 -1.16 7.18 -14.17
C LEU A 74 -1.00 7.21 -15.69
N ALA A 75 0.16 7.68 -16.14
CA ALA A 75 0.44 7.76 -17.55
C ALA A 75 1.27 6.57 -18.02
N ILE A 76 0.89 5.98 -19.14
CA ILE A 76 1.69 4.94 -19.77
C ILE A 76 2.14 5.50 -21.11
N SER A 77 3.41 5.88 -21.20
CA SER A 77 3.92 6.60 -22.36
C SER A 77 4.50 5.65 -23.38
N GLY A 78 3.65 5.06 -24.21
CA GLY A 78 4.12 4.10 -25.18
C GLY A 78 3.72 2.71 -24.73
N LEU A 79 2.44 2.43 -24.91
CA LEU A 79 1.81 1.18 -24.53
C LEU A 79 2.51 -0.04 -25.17
N ARG A 80 2.80 -1.07 -24.37
CA ARG A 80 3.28 -2.34 -24.91
C ARG A 80 2.24 -3.44 -24.67
N SER A 81 2.28 -4.53 -25.46
CA SER A 81 1.30 -5.60 -25.29
CA SER A 81 1.30 -5.61 -25.29
C SER A 81 1.33 -6.18 -23.88
N GLU A 82 2.52 -6.22 -23.28
CA GLU A 82 2.68 -6.77 -21.93
C GLU A 82 2.02 -5.90 -20.85
N ASP A 83 1.60 -4.68 -21.20
CA ASP A 83 0.91 -3.79 -20.27
C ASP A 83 -0.58 -4.10 -20.13
N GLU A 84 -1.08 -5.06 -20.90
CA GLU A 84 -2.48 -5.44 -20.73
C GLU A 84 -2.71 -6.04 -19.34
N ALA A 85 -3.46 -5.33 -18.50
CA ALA A 85 -3.62 -5.69 -17.10
C ALA A 85 -4.65 -4.80 -16.45
N ASP A 86 -4.93 -5.04 -15.17
CA ASP A 86 -5.87 -4.23 -14.43
C ASP A 86 -5.10 -3.27 -13.51
N TYR A 87 -5.41 -1.98 -13.57
CA TYR A 87 -4.62 -0.99 -12.82
C TYR A 87 -5.48 -0.36 -11.74
N TYR A 88 -5.00 -0.39 -10.50
CA TYR A 88 -5.75 0.11 -9.36
C TYR A 88 -5.05 1.29 -8.68
N CYS A 89 -5.85 2.23 -8.18
CA CYS A 89 -5.36 3.29 -7.29
C CYS A 89 -5.94 3.05 -5.91
N LEU A 90 -5.27 3.60 -4.90
CA LEU A 90 -5.74 3.51 -3.52
C LEU A 90 -5.13 4.65 -2.70
N SER A 91 -5.80 5.04 -1.63
CA SER A 91 -5.21 5.94 -0.64
C SER A 91 -5.94 5.73 0.67
N TRP A 92 -5.41 6.34 1.73
CA TRP A 92 -6.12 6.44 3.00
C TRP A 92 -7.33 7.35 2.82
N ASP A 93 -8.38 7.10 3.57
CA ASP A 93 -9.53 8.00 3.61
C ASP A 93 -9.77 8.53 5.02
N ASP A 94 -9.77 9.86 5.15
CA ASP A 94 -9.80 10.49 6.46
C ASP A 94 -11.14 10.27 7.15
N SER A 95 -12.21 10.19 6.34
CA SER A 95 -13.56 10.22 6.87
C SER A 95 -14.09 8.81 7.15
N LEU A 96 -13.51 7.82 6.46
CA LEU A 96 -13.83 6.43 6.71
C LEU A 96 -12.79 5.76 7.59
N ASN A 97 -11.71 6.50 7.86
CA ASN A 97 -10.57 5.98 8.62
C ASN A 97 -10.08 4.59 8.23
N GLY A 98 -9.77 4.41 6.94
CA GLY A 98 -9.22 3.18 6.42
C GLY A 98 -8.89 3.33 4.93
N TRP A 99 -8.35 2.28 4.31
CA TRP A 99 -7.94 2.33 2.89
C TRP A 99 -9.14 2.33 1.97
N VAL A 100 -9.10 3.15 0.92
CA VAL A 100 -10.13 3.10 -0.11
C VAL A 100 -9.47 2.83 -1.47
N PHE A 101 -10.21 2.21 -2.37
CA PHE A 101 -9.65 1.72 -3.64
C PHE A 101 -10.53 2.14 -4.80
N GLY A 102 -9.94 2.25 -5.98
CA GLY A 102 -10.73 2.38 -7.19
C GLY A 102 -11.19 1.00 -7.56
N GLY A 103 -12.06 0.88 -8.55
CA GLY A 103 -12.55 -0.42 -8.98
C GLY A 103 -11.63 -1.08 -9.99
N GLY A 104 -10.55 -0.39 -10.35
CA GLY A 104 -9.61 -0.90 -11.32
C GLY A 104 -9.94 -0.47 -12.73
N THR A 105 -8.92 -0.13 -13.52
CA THR A 105 -9.07 0.13 -14.95
C THR A 105 -8.34 -0.95 -15.77
N LYS A 106 -9.11 -1.74 -16.50
CA LYS A 106 -8.54 -2.78 -17.36
C LYS A 106 -8.08 -2.16 -18.65
N VAL A 107 -6.81 -2.37 -18.96
CA VAL A 107 -6.24 -1.81 -20.16
C VAL A 107 -6.06 -2.93 -21.16
N THR A 108 -6.66 -2.75 -22.33
CA THR A 108 -6.48 -3.70 -23.42
C THR A 108 -5.58 -3.08 -24.48
N VAL A 109 -4.56 -3.82 -24.88
CA VAL A 109 -3.71 -3.40 -25.98
C VAL A 109 -4.11 -4.11 -27.26
N LEU A 110 -4.70 -3.35 -28.19
CA LEU A 110 -5.22 -3.89 -29.45
C LEU A 110 -4.19 -3.89 -30.57
N ASP A 111 -4.69 -3.61 -31.78
CA ASP A 111 -3.86 -3.36 -32.97
C ASP A 111 -4.73 -3.19 -34.20
N PCA B 1 -13.32 -9.86 9.91
CA PCA B 1 -12.21 -9.71 10.86
CB PCA B 1 -12.29 -10.80 11.93
CG PCA B 1 -13.26 -11.86 11.41
CD PCA B 1 -13.80 -11.22 10.16
OE PCA B 1 -14.59 -11.81 9.42
C PCA B 1 -10.87 -9.74 10.14
O PCA B 1 -10.74 -10.35 9.08
N PRO B 2 -9.86 -9.10 10.74
CA PRO B 2 -8.53 -9.07 10.12
C PRO B 2 -8.00 -10.50 9.91
N VAL B 3 -7.37 -10.72 8.77
CA VAL B 3 -6.86 -12.03 8.45
C VAL B 3 -5.50 -12.27 9.10
N LEU B 4 -4.72 -11.22 9.32
CA LEU B 4 -3.43 -11.37 10.00
C LEU B 4 -3.63 -11.14 11.48
N THR B 5 -2.83 -11.80 12.31
CA THR B 5 -3.05 -11.77 13.74
C THR B 5 -2.07 -10.85 14.45
N GLN B 6 -2.60 -9.83 15.12
CA GLN B 6 -1.79 -8.92 15.94
C GLN B 6 -2.36 -8.79 17.35
N SER B 7 -1.48 -8.60 18.33
CA SER B 7 -1.93 -8.23 19.68
C SER B 7 -2.71 -6.92 19.62
N PRO B 8 -3.97 -6.91 20.10
CA PRO B 8 -4.84 -5.73 20.03
C PRO B 8 -4.21 -4.50 20.68
N SER B 9 -3.41 -4.74 21.72
CA SER B 9 -2.68 -3.64 22.38
C SER B 9 -1.41 -4.12 23.05
N VAL B 10 -0.55 -3.17 23.43
CA VAL B 10 0.70 -3.46 24.11
C VAL B 10 1.25 -2.21 24.81
N SER B 11 1.06 -2.13 26.13
CA SER B 11 1.55 -0.99 26.91
C SER B 11 3.07 -1.02 27.13
N GLY B 12 3.64 0.16 27.34
CA GLY B 12 5.07 0.29 27.50
C GLY B 12 5.44 1.61 28.16
N THR B 13 6.71 1.74 28.52
CA THR B 13 7.20 2.98 29.10
C THR B 13 8.52 3.36 28.45
N PRO B 14 8.71 4.66 28.20
CA PRO B 14 9.84 5.23 27.45
C PRO B 14 11.18 4.56 27.77
N GLY B 15 12.02 4.43 26.75
CA GLY B 15 13.31 3.78 26.89
C GLY B 15 13.37 2.39 26.31
N GLN B 16 12.38 1.56 26.65
CA GLN B 16 12.43 0.14 26.32
C GLN B 16 12.11 -0.21 24.85
N LYS B 17 12.61 -1.37 24.42
CA LYS B 17 12.43 -1.87 23.06
C LYS B 17 11.28 -2.86 22.96
N VAL B 18 10.20 -2.45 22.29
CA VAL B 18 9.04 -3.30 22.13
C VAL B 18 9.07 -4.04 20.79
N THR B 19 8.27 -5.10 20.68
CA THR B 19 8.14 -5.80 19.42
C THR B 19 6.69 -6.17 19.13
N ILE B 20 6.23 -5.74 17.96
CA ILE B 20 4.87 -5.98 17.50
C ILE B 20 4.89 -7.16 16.53
N PHE B 21 4.02 -8.14 16.75
CA PHE B 21 4.01 -9.36 15.94
C PHE B 21 2.83 -9.38 14.97
N CYS B 22 2.98 -10.15 13.89
CA CYS B 22 1.99 -10.20 12.81
C CYS B 22 2.03 -11.59 12.18
N SER B 23 1.14 -12.50 12.57
CA SER B 23 1.23 -13.85 12.00
C SER B 23 0.14 -14.12 10.99
N GLY B 24 0.50 -14.85 9.94
CA GLY B 24 -0.44 -15.15 8.89
C GLY B 24 -0.24 -16.57 8.38
N SER B 25 -0.17 -16.71 7.07
CA SER B 25 -0.11 -18.03 6.47
C SER B 25 0.91 -18.06 5.35
N SER B 26 1.05 -19.21 4.70
CA SER B 26 2.00 -19.32 3.61
C SER B 26 1.60 -18.42 2.44
N SER B 27 0.29 -18.23 2.25
CA SER B 27 -0.19 -17.47 1.08
C SER B 27 -0.17 -15.95 1.27
N ASN B 28 -0.01 -15.48 2.51
CA ASN B 28 0.21 -14.04 2.70
C ASN B 28 1.64 -13.69 3.17
N VAL B 29 1.86 -13.70 4.47
CA VAL B 29 3.14 -13.28 5.02
C VAL B 29 4.35 -14.01 4.42
N GLU B 30 4.26 -15.33 4.24
CA GLU B 30 5.43 -16.08 3.80
C GLU B 30 5.77 -15.80 2.34
N ASP B 31 4.76 -15.81 1.48
CA ASP B 31 4.97 -15.69 0.03
C ASP B 31 4.89 -14.26 -0.52
N ASN B 32 4.55 -13.29 0.32
CA ASN B 32 4.38 -11.92 -0.15
C ASN B 32 5.05 -10.86 0.71
N SER B 33 5.31 -9.70 0.12
CA SER B 33 5.91 -8.59 0.85
C SER B 33 5.04 -8.09 1.97
N VAL B 34 5.64 -7.89 3.15
CA VAL B 34 4.91 -7.37 4.27
C VAL B 34 5.20 -5.87 4.44
N TYR B 35 4.18 -5.09 4.74
CA TYR B 35 4.36 -3.65 4.94
C TYR B 35 3.84 -3.33 6.32
N TRP B 36 4.42 -2.31 6.94
CA TRP B 36 3.98 -1.82 8.24
C TRP B 36 3.65 -0.33 8.18
N TYR B 37 2.56 0.08 8.81
CA TYR B 37 2.26 1.49 8.93
C TYR B 37 1.83 1.87 10.33
N GLN B 38 1.96 3.17 10.61
CA GLN B 38 1.69 3.73 11.93
C GLN B 38 0.58 4.76 11.81
N GLN B 39 -0.44 4.66 12.65
CA GLN B 39 -1.56 5.59 12.61
C GLN B 39 -1.82 6.32 13.93
N PHE B 40 -1.47 7.61 13.99
CA PHE B 40 -1.84 8.46 15.12
C PHE B 40 -3.32 8.81 14.99
N PRO B 41 -3.97 9.12 16.13
CA PRO B 41 -5.40 9.46 16.10
C PRO B 41 -5.68 10.69 15.25
N GLY B 42 -6.54 10.55 14.25
CA GLY B 42 -6.90 11.65 13.37
C GLY B 42 -5.76 12.13 12.48
N THR B 43 -4.81 11.24 12.20
CA THR B 43 -3.67 11.58 11.36
C THR B 43 -3.48 10.52 10.28
N THR B 44 -3.03 10.96 9.10
CA THR B 44 -2.76 10.04 7.99
C THR B 44 -1.63 9.08 8.34
N PRO B 45 -1.81 7.79 8.02
CA PRO B 45 -0.81 6.77 8.33
C PRO B 45 0.51 6.97 7.60
N LYS B 46 1.60 6.66 8.27
CA LYS B 46 2.92 6.65 7.66
C LYS B 46 3.44 5.22 7.54
N VAL B 47 3.91 4.86 6.36
CA VAL B 47 4.56 3.57 6.16
C VAL B 47 5.94 3.57 6.80
N LEU B 48 6.18 2.64 7.72
CA LEU B 48 7.46 2.54 8.40
C LEU B 48 8.32 1.46 7.77
N ILE B 49 7.67 0.48 7.13
CA ILE B 49 8.40 -0.64 6.55
C ILE B 49 7.73 -1.11 5.26
N TYR B 50 8.52 -1.38 4.24
CA TYR B 50 8.04 -2.02 3.02
C TYR B 50 8.94 -3.21 2.69
N ASN B 51 8.44 -4.11 1.84
CA ASN B 51 9.17 -5.33 1.50
C ASN B 51 9.81 -6.04 2.71
N ASP B 52 9.05 -6.17 3.80
CA ASP B 52 9.47 -7.01 4.95
C ASP B 52 10.40 -6.30 5.94
N ASP B 53 11.44 -5.65 5.41
CA ASP B 53 12.50 -5.17 6.28
C ASP B 53 13.16 -3.87 5.82
N ARG B 54 12.58 -3.22 4.81
CA ARG B 54 13.15 -1.99 4.29
CA ARG B 54 13.14 -1.98 4.27
C ARG B 54 12.45 -0.74 4.83
N ARG B 55 13.23 0.26 5.20
CA ARG B 55 12.67 1.50 5.74
C ARG B 55 12.56 2.58 4.64
N PRO B 56 11.41 3.28 4.59
CA PRO B 56 11.37 4.41 3.65
C PRO B 56 12.39 5.43 4.11
N SER B 57 13.00 6.17 3.20
CA SER B 57 13.85 7.27 3.64
C SER B 57 13.00 8.15 4.56
N GLY B 58 13.61 8.62 5.66
CA GLY B 58 12.91 9.49 6.59
C GLY B 58 12.31 8.74 7.76
N VAL B 59 12.57 7.44 7.81
CA VAL B 59 12.15 6.62 8.95
C VAL B 59 13.36 6.18 9.77
N PRO B 60 13.32 6.47 11.07
CA PRO B 60 14.47 6.25 11.94
C PRO B 60 14.90 4.78 11.94
N ASP B 61 16.20 4.54 11.75
CA ASP B 61 16.74 3.19 11.85
C ASP B 61 16.24 2.48 13.10
N ARG B 62 15.41 3.17 13.88
CA ARG B 62 15.02 2.70 15.21
C ARG B 62 13.70 1.96 15.16
N PHE B 63 13.03 2.01 14.02
CA PHE B 63 12.14 0.93 13.60
C PHE B 63 12.86 -0.07 12.71
N SER B 64 12.75 -1.35 13.06
CA SER B 64 13.15 -2.42 12.16
C SER B 64 12.06 -3.48 12.05
N GLY B 65 11.97 -4.10 10.87
CA GLY B 65 11.00 -5.15 10.64
C GLY B 65 11.68 -6.37 10.10
N SER B 66 11.06 -7.54 10.24
CA SER B 66 11.56 -8.76 9.63
C SER B 66 10.48 -9.82 9.64
N LYS B 67 10.76 -10.97 9.05
CA LYS B 67 9.81 -12.07 9.10
C LYS B 67 10.50 -13.41 9.05
N SER B 68 9.83 -14.43 9.58
CA SER B 68 10.32 -15.80 9.55
C SER B 68 9.12 -16.73 9.38
N GLY B 69 9.19 -17.64 8.44
CA GLY B 69 8.06 -18.51 8.18
C GLY B 69 6.83 -17.66 7.91
N THR B 70 5.74 -17.90 8.63
CA THR B 70 4.49 -17.20 8.36
C THR B 70 4.23 -16.03 9.31
N SER B 71 5.24 -15.51 9.97
CA SER B 71 4.96 -14.37 10.84
C SER B 71 6.00 -13.27 10.70
N ALA B 72 5.56 -12.03 10.92
CA ALA B 72 6.42 -10.88 10.75
C ALA B 72 6.41 -10.09 12.03
N SER B 73 7.42 -9.25 12.22
CA SER B 73 7.43 -8.38 13.39
C SER B 73 8.09 -7.05 13.08
N LEU B 74 7.67 -6.05 13.83
CA LEU B 74 8.23 -4.71 13.79
C LEU B 74 8.78 -4.42 15.19
N ALA B 75 10.10 -4.31 15.31
CA ALA B 75 10.73 -3.92 16.57
C ALA B 75 10.89 -2.40 16.69
N ILE B 76 10.32 -1.81 17.74
CA ILE B 76 10.47 -0.39 18.05
C ILE B 76 11.48 -0.13 19.18
N SER B 77 12.76 -0.01 18.84
CA SER B 77 13.82 0.23 19.82
C SER B 77 13.84 1.67 20.37
N GLY B 78 13.69 1.81 21.68
CA GLY B 78 13.80 3.11 22.32
C GLY B 78 12.53 3.92 22.27
N LEU B 79 11.51 3.46 23.00
CA LEU B 79 10.17 4.07 22.95
C LEU B 79 10.15 5.60 23.11
N ARG B 80 8.97 6.19 22.89
CA ARG B 80 8.72 7.62 23.07
C ARG B 80 7.22 7.85 23.17
N SER B 81 6.79 8.78 24.01
CA SER B 81 5.37 9.16 24.05
C SER B 81 4.89 9.47 22.63
N GLU B 82 5.87 9.77 21.78
CA GLU B 82 5.66 10.10 20.38
C GLU B 82 5.20 8.86 19.60
N ASP B 83 5.70 7.70 20.01
CA ASP B 83 5.40 6.43 19.34
C ASP B 83 4.05 5.84 19.74
N GLU B 84 3.19 6.65 20.34
CA GLU B 84 1.90 6.19 20.83
C GLU B 84 0.85 6.21 19.72
N ALA B 85 0.89 5.19 18.87
CA ALA B 85 -0.05 5.08 17.76
C ALA B 85 -0.54 3.64 17.62
N ASP B 86 -1.37 3.40 16.62
CA ASP B 86 -1.84 2.05 16.29
C ASP B 86 -1.03 1.50 15.10
N TYR B 87 -0.33 0.38 15.30
CA TYR B 87 0.59 -0.15 14.29
C TYR B 87 0.03 -1.36 13.53
N TYR B 88 0.16 -1.34 12.21
CA TYR B 88 -0.53 -2.31 11.35
C TYR B 88 0.39 -3.01 10.36
N CYS B 89 0.16 -4.30 10.14
CA CYS B 89 0.85 -5.03 9.07
C CYS B 89 -0.15 -5.29 7.97
N LEU B 90 0.35 -5.49 6.75
CA LEU B 90 -0.51 -5.85 5.62
C LEU B 90 0.33 -6.61 4.60
N SER B 91 -0.34 -7.40 3.76
CA SER B 91 0.32 -8.00 2.60
C SER B 91 -0.74 -8.52 1.64
N TRP B 92 -0.32 -8.90 0.45
CA TRP B 92 -1.20 -9.57 -0.50
C TRP B 92 -1.41 -10.99 0.00
N ASP B 93 -2.53 -11.60 -0.34
CA ASP B 93 -2.78 -12.99 0.03
C ASP B 93 -3.14 -13.74 -1.23
N ASP B 94 -2.35 -14.76 -1.59
CA ASP B 94 -2.57 -15.47 -2.87
C ASP B 94 -3.86 -16.24 -2.93
N SER B 95 -4.30 -16.76 -1.80
CA SER B 95 -5.49 -17.62 -1.80
C SER B 95 -6.77 -16.81 -1.88
N LEU B 96 -6.77 -15.65 -1.23
CA LEU B 96 -7.93 -14.76 -1.25
C LEU B 96 -7.88 -13.82 -2.46
N ASN B 97 -6.75 -13.78 -3.15
CA ASN B 97 -6.56 -12.81 -4.24
C ASN B 97 -6.98 -11.39 -3.83
N GLY B 98 -6.47 -10.93 -2.71
CA GLY B 98 -6.80 -9.60 -2.23
C GLY B 98 -5.85 -9.24 -1.11
N TRP B 99 -5.93 -8.00 -0.62
CA TRP B 99 -5.06 -7.55 0.47
C TRP B 99 -5.59 -8.06 1.80
N VAL B 100 -4.68 -8.38 2.72
CA VAL B 100 -5.08 -8.74 4.06
C VAL B 100 -4.32 -7.89 5.06
N PHE B 101 -4.92 -7.71 6.23
CA PHE B 101 -4.40 -6.80 7.25
C PHE B 101 -4.46 -7.40 8.65
N GLY B 102 -3.54 -6.95 9.50
CA GLY B 102 -3.65 -7.18 10.94
C GLY B 102 -4.70 -6.24 11.53
N GLY B 103 -5.13 -6.53 12.76
CA GLY B 103 -6.16 -5.73 13.40
C GLY B 103 -5.60 -4.47 14.02
N GLY B 104 -4.28 -4.35 13.99
CA GLY B 104 -3.58 -3.21 14.57
C GLY B 104 -3.20 -3.46 16.02
N THR B 105 -1.99 -3.05 16.39
CA THR B 105 -1.53 -3.10 17.79
C THR B 105 -1.42 -1.66 18.35
N LYS B 106 -2.43 -1.23 19.10
CA LYS B 106 -2.41 0.08 19.79
C LYS B 106 -1.31 0.13 20.86
N VAL B 107 -0.24 0.85 20.58
CA VAL B 107 0.82 1.01 21.57
C VAL B 107 0.51 2.14 22.57
N THR B 108 0.69 1.84 23.86
CA THR B 108 0.49 2.82 24.93
C THR B 108 1.79 3.06 25.69
N VAL B 109 2.13 4.32 25.91
CA VAL B 109 3.37 4.67 26.60
C VAL B 109 3.14 5.15 28.03
C DIW C . -2.50 -0.21 1.61
C2 DIW C . -0.93 -1.00 -0.04
C3 DIW C . -1.24 -0.15 1.02
N7 DIW C . -0.14 0.63 1.26
C8 DIW C . 0.85 0.30 0.40
C9 DIW C . 0.46 -0.78 -0.55
C10 DIW C . 2.19 0.98 0.42
C11 DIW C . 3.14 0.62 -0.45
C12 DIW C . 4.25 1.37 -0.28
C12 DIW C . 4.39 0.95 -0.76
C13 DIW C . 5.56 1.27 -1.00
C13 DIW C . 5.35 1.93 -0.24
C14 DIW C . 6.67 2.04 -0.61
C14 DIW C . 6.59 1.91 -0.86
C15 DIW C . 7.90 1.89 -1.27
C15 DIW C . 7.58 2.81 -0.48
N16 DIW C . 8.04 1.00 -2.27
N16 DIW C . 7.32 3.71 0.50
C17 DIW C . 7.01 0.23 -2.62
C17 DIW C . 6.11 3.73 1.09
C18 DIW C . 5.75 0.32 -2.00
C18 DIW C . 5.08 2.86 0.75
C19 DIW C . 8.98 2.70 -0.88
C19 DIW C . 8.81 2.73 -1.13
C20 DIW C . 8.84 3.65 0.12
C20 DIW C . 9.05 1.80 -2.14
C21 DIW C . 7.62 3.80 0.77
C21 DIW C . 8.05 0.90 -2.51
C22 DIW C . 6.54 3.00 0.40
C22 DIW C . 6.82 0.98 -1.87
C23 DIW C . 9.33 0.77 -2.96
C23 DIW C . 8.26 4.73 1.00
C24 DIW C . 10.03 1.96 -3.61
C24 DIW C . 9.74 4.57 0.67
C25 DIW C . 11.53 2.01 -3.28
C25 DIW C . 10.14 5.46 -0.49
S26 DIW C . 12.48 0.94 -4.16
S26 DIW C . 11.43 6.46 -0.12
C27 DIW C . 1.37 -2.00 -0.48
C28 DIW C . 0.38 -0.17 -1.96
C29 DIW C . -0.05 1.67 2.31
C30 DIW C . -3.47 -1.11 1.17
O30 DIW C . 13.87 1.01 -3.67
O30 DIW C . 11.90 7.12 -1.35
C31 DIW C . -3.16 -1.96 0.11
O31 DIW C . 12.46 1.28 -5.60
O31 DIW C . 12.53 5.64 0.47
C32 DIW C . -1.90 -1.91 -0.49
O32 DIW C . 12.01 -0.45 -4.00
O32 DIW C . 10.97 7.49 0.84
C1 EDO D . 0.12 11.27 -14.82
O1 EDO D . -0.69 12.30 -15.41
C2 EDO D . 1.59 11.49 -15.12
O2 EDO D . 2.06 12.58 -14.33
C1 EDO E . 5.31 -4.07 -17.41
O1 EDO E . 3.92 -4.03 -17.79
C2 EDO E . 5.50 -3.48 -16.01
O2 EDO E . 5.35 -4.52 -15.01
C1 EDO F . -4.01 14.15 -13.14
O1 EDO F . -5.15 13.54 -12.51
C2 EDO F . -2.87 14.48 -12.17
O2 EDO F . -2.01 15.51 -12.72
C1 EDO G . -6.29 -8.40 -14.16
O1 EDO G . -7.35 -8.03 -15.07
C2 EDO G . -6.83 -9.26 -13.01
O2 EDO G . -7.76 -8.52 -12.20
C1 EDO H . -15.88 13.94 -13.80
O1 EDO H . -17.17 13.80 -13.17
C2 EDO H . -14.94 12.88 -13.26
O2 EDO H . -13.59 13.23 -13.59
C1 EDO I . 4.69 -4.25 -28.82
O1 EDO I . 3.62 -4.76 -28.02
C2 EDO I . 5.85 -3.89 -27.90
O2 EDO I . 6.23 -5.05 -27.16
C1 EDO J . -9.25 -4.32 -5.12
O1 EDO J . -10.65 -4.03 -5.11
C2 EDO J . -8.67 -3.89 -3.77
O2 EDO J . -9.50 -4.43 -2.74
S SO4 K . 9.50 -2.55 -4.88
O1 SO4 K . 9.39 -3.96 -4.52
O2 SO4 K . 10.20 -1.84 -3.83
O3 SO4 K . 8.16 -1.97 -5.02
O4 SO4 K . 10.27 -2.45 -6.12
#